data_7KBV
#
_entry.id   7KBV
#
_entity_poly.entity_id   1
_entity_poly.type   'polydeoxyribonucleotide'
_entity_poly.pdbx_seq_one_letter_code
;(DT)(DG)(DA)(DG)(DG)(DG)(DT)(DG)(DG)(DG)(DT)(DA)(DG)(DG)(DG)(DT)(DG)(DG)(DG)(DG)
(DA)(DA)
;
_entity_poly.pdbx_strand_id   A
#
loop_
_chem_comp.id
_chem_comp.type
_chem_comp.name
_chem_comp.formula
DA DNA linking 2'-DEOXYADENOSINE-5'-MONOPHOSPHATE 'C10 H14 N5 O6 P'
DG DNA linking 2'-DEOXYGUANOSINE-5'-MONOPHOSPHATE 'C10 H14 N5 O7 P'
DT DNA linking THYMIDINE-5'-MONOPHOSPHATE 'C10 H15 N2 O8 P'
#